data_4U2W
#
_entry.id   4U2W
#
_cell.length_a   61.738
_cell.length_b   62.993
_cell.length_c   68.961
_cell.angle_alpha   90.00
_cell.angle_beta   90.00
_cell.angle_gamma   90.00
#
_symmetry.space_group_name_H-M   'P 21 21 21'
#
loop_
_entity.id
_entity.type
_entity.pdbx_description
1 polymer 'Bowman-Birk trypsin inhibitor'
2 polymer 'Cationic trypsin'
3 non-polymer 'CALCIUM ION'
4 non-polymer 'SULFATE ION'
5 non-polymer 1,2-ETHANEDIOL
6 water water
#
loop_
_entity_poly.entity_id
_entity_poly.type
_entity_poly.pdbx_seq_one_letter_code
_entity_poly.pdbx_strand_id
1 'polypeptide(L)' IGCWTKSIPPRPCFVK B
2 'polypeptide(L)'
;IVGGYTCGANTVPYQVSLNSGYHFCGGSLINSQWVVSAAHCYKSGIQVRLGEDNINVVEGNEQFISASKSIVHPSYNSNT
LNNDIMLIKLKSAASLNSRVASISLPTSCASAGTQCLISGWGNTKSSGTSYPDVLKCLKAPILSDSSCKSAYPGQITSNM
FCAGYLEGGKDSCQGDSGGPVVCSGKLQGIVSWGSGCAQKNKPGVYTKVCNYVSWIKQTIASN
;
A
#
loop_
_chem_comp.id
_chem_comp.type
_chem_comp.name
_chem_comp.formula
CA non-polymer 'CALCIUM ION' 'Ca 2'
EDO non-polymer 1,2-ETHANEDIOL 'C2 H6 O2'
SO4 non-polymer 'SULFATE ION' 'O4 S -2'
#
# COMPACT_ATOMS: atom_id res chain seq x y z
N GLY A 2 -7.03 7.65 -17.50
CA GLY A 2 -7.69 8.44 -16.41
C GLY A 2 -7.24 8.00 -14.99
N CYS A 3 -7.92 8.51 -13.95
CA CYS A 3 -7.59 8.13 -12.61
C CYS A 3 -8.11 6.81 -12.27
N TRP A 4 -7.31 5.98 -11.66
CA TRP A 4 -7.68 4.70 -11.21
C TRP A 4 -7.02 4.39 -9.90
N THR A 5 -7.78 3.78 -8.98
CA THR A 5 -7.20 3.18 -7.82
C THR A 5 -6.36 1.99 -8.24
N LYS A 6 -5.41 1.61 -7.37
CA LYS A 6 -4.46 0.53 -7.66
C LYS A 6 -4.85 -0.86 -7.04
N SER A 7 -6.15 -1.13 -6.99
CA SER A 7 -6.72 -2.37 -6.48
C SER A 7 -7.00 -3.33 -7.62
N ILE A 8 -7.32 -4.56 -7.26
N ILE A 8 -7.33 -4.58 -7.26
CA ILE A 8 -7.95 -5.52 -8.16
CA ILE A 8 -7.97 -5.52 -8.26
C ILE A 8 -9.44 -5.65 -7.77
C ILE A 8 -9.40 -5.68 -7.78
N PRO A 9 -10.37 -5.17 -8.55
CA PRO A 9 -10.18 -4.45 -9.81
C PRO A 9 -9.93 -2.97 -9.52
N PRO A 10 -9.45 -2.21 -10.48
CA PRO A 10 -9.28 -0.77 -10.28
C PRO A 10 -10.64 -0.08 -10.20
N ARG A 11 -10.68 1.01 -9.44
CA ARG A 11 -11.88 1.82 -9.25
C ARG A 11 -11.65 3.19 -9.82
N PRO A 12 -12.62 3.81 -10.45
CA PRO A 12 -12.43 5.16 -11.00
C PRO A 12 -12.38 6.18 -9.92
N CYS A 13 -11.67 7.29 -10.20
CA CYS A 13 -11.55 8.36 -9.27
C CYS A 13 -11.62 9.65 -10.00
N PHE A 14 -11.99 10.72 -9.24
CA PHE A 14 -12.18 12.04 -9.80
C PHE A 14 -13.18 12.01 -10.97
N VAL A 15 -14.27 11.26 -10.77
CA VAL A 15 -15.38 11.22 -11.68
C VAL A 15 -16.23 12.48 -11.54
N LYS A 16 -16.53 13.12 -12.63
CA LYS A 16 -17.29 14.36 -12.55
C LYS A 16 -18.79 14.09 -12.33
N ILE B 1 3.75 -3.79 -9.44
CA ILE B 1 4.97 -2.90 -9.53
C ILE B 1 5.52 -3.00 -10.93
N VAL B 2 5.59 -1.87 -11.62
CA VAL B 2 6.19 -1.77 -12.98
C VAL B 2 7.60 -1.26 -12.83
N GLY B 3 8.55 -1.92 -13.50
CA GLY B 3 9.92 -1.44 -13.50
C GLY B 3 10.70 -1.72 -12.24
N GLY B 4 10.22 -2.66 -11.43
CA GLY B 4 10.86 -3.04 -10.22
C GLY B 4 11.70 -4.29 -10.35
N TYR B 5 11.90 -4.96 -9.23
CA TYR B 5 12.74 -6.15 -9.17
C TYR B 5 12.14 -7.13 -8.20
N THR B 6 12.51 -8.40 -8.36
CA THR B 6 12.08 -9.42 -7.42
C THR B 6 12.74 -9.17 -6.08
N CYS B 7 11.91 -8.98 -5.04
CA CYS B 7 12.44 -8.59 -3.74
C CYS B 7 13.40 -9.67 -3.18
N GLY B 8 12.97 -10.91 -3.31
CA GLY B 8 13.57 -12.03 -2.58
C GLY B 8 12.65 -12.43 -1.45
N ALA B 9 12.54 -13.75 -1.23
CA ALA B 9 11.57 -14.25 -0.27
C ALA B 9 11.77 -13.65 1.10
N ASN B 10 10.67 -13.12 1.65
CA ASN B 10 10.61 -12.63 3.02
C ASN B 10 11.56 -11.50 3.33
N THR B 11 12.03 -10.78 2.31
CA THR B 11 12.86 -9.60 2.50
C THR B 11 12.06 -8.37 2.90
N VAL B 12 10.74 -8.45 2.82
CA VAL B 12 9.83 -7.35 3.14
C VAL B 12 8.81 -7.95 4.14
N PRO B 13 9.24 -8.19 5.39
CA PRO B 13 8.46 -9.11 6.25
C PRO B 13 7.18 -8.52 6.80
N TYR B 14 6.98 -7.21 6.61
CA TYR B 14 5.76 -6.53 7.00
C TYR B 14 4.74 -6.50 5.87
N GLN B 15 5.11 -6.93 4.67
CA GLN B 15 4.18 -6.92 3.55
C GLN B 15 3.15 -8.02 3.71
N VAL B 16 1.88 -7.68 3.59
CA VAL B 16 0.79 -8.67 3.60
C VAL B 16 0.09 -8.63 2.24
N SER B 17 -0.55 -9.78 1.94
CA SER B 17 -1.49 -9.90 0.84
C SER B 17 -2.89 -10.02 1.40
N LEU B 18 -3.81 -9.23 0.88
CA LEU B 18 -5.22 -9.36 1.20
C LEU B 18 -5.83 -10.26 0.15
N ASN B 19 -6.49 -11.34 0.62
CA ASN B 19 -6.94 -12.42 -0.25
C ASN B 19 -8.43 -12.67 -0.07
N SER B 20 -9.13 -12.81 -1.20
CA SER B 20 -10.53 -13.18 -1.23
C SER B 20 -10.74 -14.29 -2.28
N GLY B 21 -9.90 -15.33 -2.22
CA GLY B 21 -9.82 -16.31 -3.28
C GLY B 21 -8.94 -15.90 -4.44
N TYR B 22 -8.25 -14.78 -4.27
CA TYR B 22 -7.28 -14.19 -5.15
C TYR B 22 -6.68 -13.01 -4.38
N HIS B 23 -5.48 -12.62 -4.78
CA HIS B 23 -4.85 -11.42 -4.22
C HIS B 23 -5.50 -10.19 -4.82
N PHE B 24 -5.97 -9.27 -3.96
CA PHE B 24 -6.62 -8.08 -4.50
C PHE B 24 -6.01 -6.76 -4.03
N CYS B 25 -5.22 -6.78 -2.95
CA CYS B 25 -4.62 -5.57 -2.40
C CYS B 25 -3.50 -6.03 -1.49
N GLY B 26 -2.57 -5.11 -1.21
CA GLY B 26 -1.59 -5.30 -0.18
C GLY B 26 -1.99 -4.65 1.14
N GLY B 27 -1.08 -4.77 2.09
CA GLY B 27 -1.21 -4.13 3.38
C GLY B 27 0.15 -4.22 4.10
N SER B 28 0.19 -3.60 5.27
CA SER B 28 1.40 -3.55 6.09
C SER B 28 1.08 -3.95 7.51
N LEU B 29 1.83 -4.90 8.04
CA LEU B 29 1.65 -5.32 9.43
C LEU B 29 2.27 -4.29 10.36
N ILE B 30 1.47 -3.73 11.29
CA ILE B 30 1.98 -2.71 12.22
C ILE B 30 2.09 -3.20 13.65
N ASN B 31 1.44 -4.27 14.01
CA ASN B 31 1.69 -5.00 15.26
C ASN B 31 1.12 -6.38 15.06
N SER B 32 1.20 -7.27 16.05
CA SER B 32 0.79 -8.65 15.81
C SER B 32 -0.67 -8.80 15.49
N GLN B 33 -1.50 -7.78 15.76
N GLN B 33 -1.53 -7.82 15.73
CA GLN B 33 -2.96 -7.86 15.59
CA GLN B 33 -2.91 -8.05 15.40
C GLN B 33 -3.50 -6.99 14.51
C GLN B 33 -3.52 -6.97 14.54
N TRP B 34 -2.73 -6.09 13.91
CA TRP B 34 -3.30 -5.02 13.09
C TRP B 34 -2.46 -4.79 11.84
N VAL B 35 -3.21 -4.55 10.76
CA VAL B 35 -2.70 -4.27 9.42
C VAL B 35 -3.23 -2.92 8.95
N VAL B 36 -2.39 -2.14 8.30
CA VAL B 36 -2.82 -0.94 7.61
C VAL B 36 -2.91 -1.22 6.14
N SER B 37 -4.02 -0.76 5.52
CA SER B 37 -4.23 -0.86 4.08
C SER B 37 -4.97 0.38 3.61
N ALA B 38 -5.48 0.34 2.39
CA ALA B 38 -6.23 1.44 1.82
C ALA B 38 -7.71 1.23 2.06
N ALA B 39 -8.45 2.33 2.31
CA ALA B 39 -9.90 2.27 2.41
C ALA B 39 -10.55 1.69 1.17
N HIS B 40 -10.01 2.00 -0.02
CA HIS B 40 -10.67 1.50 -1.23
C HIS B 40 -10.48 -0.01 -1.40
N CYS B 41 -9.67 -0.63 -0.57
CA CYS B 41 -9.51 -2.09 -0.54
C CYS B 41 -10.54 -2.78 0.33
N TYR B 42 -11.44 -2.04 0.98
CA TYR B 42 -12.42 -2.69 1.84
C TYR B 42 -13.30 -3.65 1.05
N LYS B 43 -13.55 -4.81 1.67
CA LYS B 43 -14.62 -5.72 1.25
C LYS B 43 -14.87 -6.61 2.43
N SER B 44 -15.99 -7.34 2.38
CA SER B 44 -16.20 -8.52 3.22
C SER B 44 -15.27 -9.68 2.89
N GLY B 45 -15.03 -10.63 3.76
CA GLY B 45 -14.37 -11.88 3.44
C GLY B 45 -12.87 -11.76 3.31
N ILE B 46 -12.25 -10.77 4.01
CA ILE B 46 -10.82 -10.63 3.83
C ILE B 46 -10.07 -11.68 4.63
N GLN B 47 -9.16 -12.39 3.97
CA GLN B 47 -8.18 -13.21 4.62
C GLN B 47 -6.83 -12.53 4.46
N VAL B 48 -6.16 -12.26 5.57
CA VAL B 48 -4.81 -11.67 5.54
C VAL B 48 -3.81 -12.77 5.40
N ARG B 49 -2.89 -12.63 4.44
CA ARG B 49 -1.86 -13.63 4.22
C ARG B 49 -0.51 -12.99 4.49
N LEU B 50 0.12 -13.46 5.54
N LEU B 50 0.13 -13.45 5.56
CA LEU B 50 1.40 -12.97 6.05
CA LEU B 50 1.39 -12.97 6.06
C LEU B 50 2.52 -13.96 5.67
C LEU B 50 2.50 -13.96 5.67
N GLY B 51 3.74 -13.47 5.60
CA GLY B 51 4.85 -14.35 5.33
C GLY B 51 4.96 -14.82 3.90
N GLU B 52 4.22 -14.20 2.98
CA GLU B 52 4.17 -14.66 1.60
C GLU B 52 5.36 -14.25 0.78
N ASP B 53 5.74 -15.12 -0.15
CA ASP B 53 6.56 -14.75 -1.32
C ASP B 53 5.77 -15.11 -2.57
N ASN B 54 5.79 -16.39 -2.98
CA ASN B 54 4.95 -16.85 -4.06
C ASN B 54 3.52 -17.01 -3.56
N ILE B 55 2.63 -16.13 -3.99
CA ILE B 55 1.25 -16.14 -3.50
C ILE B 55 0.45 -17.34 -4.03
N ASN B 56 0.98 -18.07 -5.01
CA ASN B 56 0.27 -19.20 -5.60
C ASN B 56 0.76 -20.55 -5.18
N VAL B 57 1.73 -20.62 -4.30
CA VAL B 57 2.33 -21.86 -3.80
C VAL B 57 2.46 -21.75 -2.29
N VAL B 58 2.09 -22.81 -1.57
CA VAL B 58 2.36 -22.88 -0.13
C VAL B 58 3.79 -23.34 0.02
N GLU B 59 4.67 -22.41 0.37
CA GLU B 59 6.12 -22.59 0.43
C GLU B 59 6.66 -22.83 1.79
N GLY B 60 5.90 -22.53 2.81
CA GLY B 60 6.39 -22.39 4.16
C GLY B 60 6.47 -20.91 4.50
N ASN B 61 6.27 -20.65 5.79
CA ASN B 61 6.28 -19.32 6.41
C ASN B 61 4.98 -18.55 6.31
N GLU B 62 4.00 -19.02 5.53
CA GLU B 62 2.72 -18.35 5.47
C GLU B 62 1.95 -18.45 6.80
N GLN B 63 1.22 -17.39 7.09
CA GLN B 63 0.17 -17.40 8.09
C GLN B 63 -1.07 -16.79 7.43
N PHE B 64 -2.16 -17.51 7.43
CA PHE B 64 -3.43 -17.04 6.88
C PHE B 64 -4.35 -16.75 8.06
N ILE B 65 -4.79 -15.52 8.22
CA ILE B 65 -5.59 -15.12 9.36
C ILE B 65 -6.75 -14.29 8.87
N SER B 66 -7.96 -14.65 9.25
CA SER B 66 -9.11 -13.86 8.84
C SER B 66 -9.08 -12.47 9.47
N ALA B 67 -9.58 -11.49 8.72
CA ALA B 67 -9.88 -10.20 9.35
C ALA B 67 -11.05 -10.37 10.28
N SER B 68 -10.96 -9.89 11.50
CA SER B 68 -12.09 -9.77 12.39
C SER B 68 -12.77 -8.42 12.35
N LYS B 69 -12.06 -7.38 12.03
CA LYS B 69 -12.52 -5.99 11.92
C LYS B 69 -11.89 -5.41 10.69
N SER B 70 -12.61 -4.63 9.90
CA SER B 70 -12.01 -3.82 8.86
C SER B 70 -12.59 -2.43 9.04
N ILE B 71 -11.75 -1.48 9.41
CA ILE B 71 -12.15 -0.15 9.85
C ILE B 71 -11.68 0.86 8.82
N VAL B 72 -12.58 1.26 7.94
CA VAL B 72 -12.32 2.31 6.96
C VAL B 72 -12.35 3.64 7.65
N HIS B 73 -11.46 4.57 7.29
CA HIS B 73 -11.50 5.90 7.89
C HIS B 73 -12.91 6.47 7.70
N PRO B 74 -13.53 7.02 8.74
CA PRO B 74 -14.90 7.55 8.59
C PRO B 74 -15.02 8.64 7.58
N SER B 75 -13.96 9.38 7.29
CA SER B 75 -14.00 10.48 6.35
C SER B 75 -13.41 10.12 5.01
N TYR B 76 -13.22 8.85 4.71
CA TYR B 76 -12.83 8.41 3.38
C TYR B 76 -13.82 8.90 2.34
N ASN B 77 -13.28 9.44 1.25
CA ASN B 77 -14.08 9.84 0.09
C ASN B 77 -13.64 9.02 -1.07
N SER B 78 -14.55 8.20 -1.63
CA SER B 78 -14.16 7.30 -2.69
C SER B 78 -13.94 7.92 -4.04
N ASN B 79 -14.39 9.17 -4.20
CA ASN B 79 -14.13 9.87 -5.47
C ASN B 79 -12.81 10.61 -5.44
N THR B 80 -12.48 11.25 -4.32
CA THR B 80 -11.23 12.02 -4.25
C THR B 80 -10.11 11.23 -3.66
N LEU B 81 -10.43 10.10 -3.03
CA LEU B 81 -9.46 9.28 -2.30
C LEU B 81 -8.85 9.97 -1.13
N ASN B 82 -9.41 11.07 -0.64
CA ASN B 82 -8.94 11.62 0.60
C ASN B 82 -9.25 10.66 1.73
N ASN B 83 -8.29 10.56 2.67
CA ASN B 83 -8.40 9.66 3.80
C ASN B 83 -8.51 8.18 3.36
N ASP B 84 -7.68 7.81 2.39
CA ASP B 84 -7.68 6.43 1.85
C ASP B 84 -6.82 5.53 2.75
N ILE B 85 -7.39 5.17 3.90
CA ILE B 85 -6.72 4.35 4.89
C ILE B 85 -7.79 3.48 5.56
N MET B 86 -7.36 2.25 5.88
CA MET B 86 -8.16 1.26 6.57
C MET B 86 -7.28 0.50 7.52
N LEU B 87 -7.82 0.17 8.70
N LEU B 87 -7.83 0.18 8.70
CA LEU B 87 -7.17 -0.70 9.65
CA LEU B 87 -7.18 -0.70 9.64
C LEU B 87 -7.89 -2.04 9.65
C LEU B 87 -7.89 -2.04 9.69
N ILE B 88 -7.15 -3.12 9.62
CA ILE B 88 -7.69 -4.48 9.71
C ILE B 88 -7.19 -5.08 10.99
N LYS B 89 -8.11 -5.55 11.85
CA LYS B 89 -7.74 -6.32 13.03
C LYS B 89 -7.78 -7.80 12.64
N LEU B 90 -6.78 -8.53 13.02
CA LEU B 90 -6.69 -9.97 12.78
C LEU B 90 -7.47 -10.74 13.81
N LYS B 91 -8.12 -11.82 13.41
CA LYS B 91 -8.92 -12.63 14.34
C LYS B 91 -8.05 -13.23 15.44
N SER B 92 -6.83 -13.57 15.15
CA SER B 92 -5.86 -14.01 16.13
C SER B 92 -4.57 -13.27 15.84
N ALA B 93 -3.71 -13.15 16.86
CA ALA B 93 -2.45 -12.50 16.65
C ALA B 93 -1.55 -13.34 15.77
N ALA B 94 -0.84 -12.66 14.86
CA ALA B 94 0.19 -13.32 14.10
C ALA B 94 1.34 -13.71 15.01
N SER B 95 2.06 -14.76 14.62
N SER B 95 2.01 -14.81 14.65
CA SER B 95 3.25 -15.16 15.34
CA SER B 95 3.28 -15.17 15.26
C SER B 95 4.44 -14.48 14.63
C SER B 95 4.37 -14.36 14.55
N LEU B 96 5.04 -13.52 15.34
CA LEU B 96 6.07 -12.69 14.78
C LEU B 96 7.36 -13.44 14.75
N ASN B 97 8.09 -13.31 13.66
CA ASN B 97 9.36 -14.00 13.45
C ASN B 97 10.14 -13.18 12.42
N SER B 98 11.29 -13.69 11.95
CA SER B 98 12.03 -12.90 11.01
C SER B 98 11.34 -12.69 9.68
N ARG B 99 10.39 -13.55 9.36
CA ARG B 99 9.66 -13.48 8.09
C ARG B 99 8.32 -12.79 8.20
N VAL B 100 7.86 -12.56 9.40
CA VAL B 100 6.56 -11.94 9.67
C VAL B 100 6.83 -10.93 10.77
N ALA B 101 6.92 -9.66 10.39
CA ALA B 101 7.42 -8.64 11.31
C ALA B 101 6.66 -7.35 11.07
N SER B 102 6.48 -6.56 12.13
N SER B 102 6.46 -6.60 12.15
CA SER B 102 5.79 -5.30 11.98
CA SER B 102 5.86 -5.27 12.07
C SER B 102 6.75 -4.19 11.58
C SER B 102 6.78 -4.25 11.42
N ILE B 103 6.17 -3.20 10.89
CA ILE B 103 6.87 -1.99 10.45
C ILE B 103 6.44 -0.84 11.34
N SER B 104 7.44 -0.04 11.76
N SER B 104 7.43 -0.02 11.74
CA SER B 104 7.17 1.15 12.56
CA SER B 104 7.14 1.10 12.63
C SER B 104 6.36 2.19 11.85
C SER B 104 6.44 2.25 11.92
N LEU B 105 5.49 2.87 12.61
CA LEU B 105 4.85 4.06 12.15
C LEU B 105 5.82 5.24 12.27
N PRO B 106 5.61 6.27 11.45
CA PRO B 106 6.51 7.46 11.50
C PRO B 106 6.32 8.24 12.77
N THR B 107 7.45 8.88 13.17
CA THR B 107 7.43 9.92 14.17
C THR B 107 7.30 11.32 13.56
N SER B 108 7.67 11.47 12.32
N SER B 108 7.66 11.47 12.30
CA SER B 108 7.59 12.72 11.59
CA SER B 108 7.49 12.69 11.53
C SER B 108 7.30 12.35 10.16
C SER B 108 7.31 12.35 10.10
N CYS B 109 6.78 13.30 9.40
CA CYS B 109 6.64 13.19 7.96
C CYS B 109 8.02 13.19 7.30
N ALA B 110 8.13 12.59 6.12
CA ALA B 110 9.39 12.53 5.38
C ALA B 110 9.49 13.69 4.41
N SER B 111 10.71 14.12 4.14
CA SER B 111 11.00 15.18 3.20
C SER B 111 11.01 14.68 1.76
N ALA B 112 10.78 15.61 0.84
CA ALA B 112 10.97 15.35 -0.56
C ALA B 112 12.37 14.84 -0.81
N GLY B 113 12.46 13.89 -1.71
CA GLY B 113 13.73 13.30 -2.08
C GLY B 113 14.13 12.14 -1.22
N THR B 114 13.42 11.86 -0.15
CA THR B 114 13.71 10.65 0.66
C THR B 114 13.44 9.44 -0.21
N GLN B 115 14.35 8.48 -0.13
CA GLN B 115 14.19 7.23 -0.86
C GLN B 115 13.33 6.25 -0.05
N CYS B 116 12.44 5.59 -0.76
CA CYS B 116 11.54 4.66 -0.13
C CYS B 116 11.51 3.33 -0.92
N LEU B 117 10.99 2.32 -0.27
CA LEU B 117 10.75 0.99 -0.84
C LEU B 117 9.26 0.79 -0.95
N ILE B 118 8.80 0.53 -2.18
CA ILE B 118 7.40 0.26 -2.49
C ILE B 118 7.34 -1.19 -2.95
N SER B 119 6.36 -1.96 -2.50
CA SER B 119 6.34 -3.39 -2.81
C SER B 119 4.92 -3.86 -3.03
N GLY B 120 4.79 -4.99 -3.75
CA GLY B 120 3.50 -5.59 -3.95
C GLY B 120 3.50 -6.63 -5.03
N TRP B 121 2.31 -7.25 -5.17
CA TRP B 121 2.01 -8.28 -6.15
C TRP B 121 1.16 -7.75 -7.30
N GLY B 122 1.16 -6.44 -7.51
CA GLY B 122 0.39 -5.86 -8.58
C GLY B 122 1.00 -6.10 -9.96
N ASN B 123 0.23 -5.64 -10.95
CA ASN B 123 0.63 -5.71 -12.35
C ASN B 123 2.02 -5.17 -12.54
N THR B 124 2.79 -5.85 -13.39
CA THR B 124 4.13 -5.44 -13.73
C THR B 124 4.24 -4.78 -15.10
N LYS B 125 3.13 -4.60 -15.80
CA LYS B 125 3.09 -3.94 -17.11
C LYS B 125 2.34 -2.63 -17.03
N SER B 126 2.85 -1.62 -17.76
CA SER B 126 2.21 -0.33 -17.90
C SER B 126 1.14 -0.28 -18.96
N SER B 127 1.20 -1.24 -19.84
CA SER B 127 0.20 -1.44 -20.90
C SER B 127 -0.06 -2.95 -20.93
N GLY B 128 -1.27 -3.34 -20.74
CA GLY B 128 -1.54 -4.72 -20.60
C GLY B 128 -1.37 -5.18 -19.16
N THR B 129 -1.40 -6.52 -18.98
CA THR B 129 -1.37 -7.12 -17.66
C THR B 129 -0.48 -8.32 -17.57
N SER B 130 0.31 -8.34 -16.49
CA SER B 130 1.07 -9.48 -16.07
C SER B 130 1.16 -9.46 -14.58
N TYR B 131 0.63 -10.47 -13.93
CA TYR B 131 0.58 -10.53 -12.48
C TYR B 131 1.66 -11.46 -11.97
N PRO B 132 2.54 -11.05 -11.10
CA PRO B 132 3.65 -11.89 -10.66
C PRO B 132 3.21 -12.87 -9.59
N ASP B 133 3.91 -14.01 -9.53
CA ASP B 133 3.75 -14.92 -8.42
C ASP B 133 4.49 -14.41 -7.18
N VAL B 134 5.68 -13.86 -7.34
CA VAL B 134 6.52 -13.48 -6.22
C VAL B 134 6.51 -11.95 -6.04
N LEU B 135 6.86 -11.54 -4.80
CA LEU B 135 6.78 -10.13 -4.43
C LEU B 135 7.77 -9.29 -5.21
N LYS B 136 7.31 -8.14 -5.69
CA LYS B 136 8.14 -7.19 -6.42
C LYS B 136 8.35 -5.93 -5.58
N CYS B 137 9.47 -5.27 -5.86
CA CYS B 137 9.97 -4.15 -5.11
C CYS B 137 10.39 -3.03 -6.06
N LEU B 138 10.32 -1.80 -5.56
CA LEU B 138 10.75 -0.62 -6.31
C LEU B 138 11.31 0.38 -5.33
N LYS B 139 12.50 0.89 -5.61
N LYS B 139 12.50 0.89 -5.61
CA LYS B 139 13.01 2.04 -4.87
CA LYS B 139 13.02 2.05 -4.88
C LYS B 139 12.51 3.29 -5.57
C LYS B 139 12.51 3.29 -5.57
N ALA B 140 11.96 4.22 -4.80
CA ALA B 140 11.35 5.41 -5.37
C ALA B 140 11.46 6.56 -4.40
N PRO B 141 11.67 7.78 -4.91
CA PRO B 141 11.74 8.95 -4.03
C PRO B 141 10.40 9.60 -3.86
N ILE B 142 10.25 10.28 -2.72
CA ILE B 142 9.13 11.18 -2.46
C ILE B 142 9.30 12.44 -3.30
N LEU B 143 8.26 12.86 -4.00
CA LEU B 143 8.31 14.07 -4.81
C LEU B 143 7.90 15.26 -3.98
N SER B 144 8.31 16.47 -4.43
CA SER B 144 7.87 17.68 -3.75
C SER B 144 6.37 17.88 -3.91
N ASP B 145 5.79 18.57 -2.94
CA ASP B 145 4.35 18.90 -3.03
C ASP B 145 4.11 19.74 -4.27
N SER B 146 4.98 20.70 -4.59
CA SER B 146 4.73 21.54 -5.72
C SER B 146 4.74 20.74 -7.03
N SER B 147 5.69 19.77 -7.19
CA SER B 147 5.66 18.95 -8.34
C SER B 147 4.49 18.00 -8.38
N CYS B 148 4.10 17.46 -7.25
CA CYS B 148 2.92 16.58 -7.18
C CYS B 148 1.67 17.29 -7.63
N LYS B 149 1.45 18.51 -7.10
CA LYS B 149 0.31 19.30 -7.46
C LYS B 149 0.34 19.75 -8.90
N SER B 150 1.52 20.01 -9.43
CA SER B 150 1.64 20.38 -10.84
C SER B 150 1.21 19.20 -11.70
N ALA B 151 1.56 17.97 -11.30
CA ALA B 151 1.20 16.79 -12.06
C ALA B 151 -0.31 16.50 -11.97
N TYR B 152 -0.92 16.75 -10.84
CA TYR B 152 -2.32 16.38 -10.54
C TYR B 152 -3.04 17.60 -10.00
N PRO B 153 -3.29 18.63 -10.84
CA PRO B 153 -3.86 19.87 -10.28
C PRO B 153 -5.24 19.64 -9.69
N GLY B 154 -5.47 20.24 -8.53
CA GLY B 154 -6.74 20.14 -7.87
C GLY B 154 -7.06 18.80 -7.25
N GLN B 155 -6.14 17.86 -7.23
CA GLN B 155 -6.41 16.50 -6.77
C GLN B 155 -5.59 16.07 -5.59
N ILE B 156 -4.58 16.80 -5.17
CA ILE B 156 -3.69 16.36 -4.10
C ILE B 156 -4.08 17.05 -2.83
N THR B 157 -4.59 16.34 -1.85
CA THR B 157 -4.88 16.89 -0.55
C THR B 157 -3.64 16.85 0.33
N SER B 158 -3.73 17.46 1.52
CA SER B 158 -2.65 17.39 2.50
C SER B 158 -2.44 15.98 3.02
N ASN B 159 -3.38 15.06 2.71
CA ASN B 159 -3.28 13.66 3.14
C ASN B 159 -2.71 12.74 2.09
N MET B 160 -2.06 13.29 1.07
CA MET B 160 -1.48 12.55 -0.03
C MET B 160 -0.13 13.03 -0.36
N PHE B 161 0.68 12.18 -0.95
CA PHE B 161 1.95 12.61 -1.55
C PHE B 161 2.22 11.79 -2.77
N CYS B 162 3.06 12.32 -3.66
CA CYS B 162 3.50 11.61 -4.82
C CYS B 162 4.87 10.99 -4.56
N ALA B 163 5.10 9.83 -5.20
CA ALA B 163 6.43 9.20 -5.16
C ALA B 163 6.64 8.51 -6.45
N GLY B 164 7.90 8.39 -6.86
CA GLY B 164 8.22 7.73 -8.09
C GLY B 164 8.96 8.63 -9.06
N TYR B 165 8.55 8.55 -10.29
N TYR B 165 8.55 8.56 -10.32
CA TYR B 165 9.32 9.06 -11.35
CA TYR B 165 9.34 9.00 -11.46
C TYR B 165 8.35 9.81 -12.23
C TYR B 165 8.63 9.55 -12.64
N LEU B 166 8.91 10.78 -12.95
CA LEU B 166 8.18 11.51 -13.96
C LEU B 166 8.50 11.06 -15.38
N GLU B 167 9.60 10.37 -15.59
CA GLU B 167 9.99 9.93 -16.92
C GLU B 167 9.34 8.69 -17.39
N GLY B 168 8.52 8.06 -16.55
CA GLY B 168 7.85 6.86 -17.00
C GLY B 168 8.58 5.61 -16.62
N GLY B 169 7.87 4.49 -16.59
CA GLY B 169 8.49 3.20 -16.54
C GLY B 169 8.62 2.55 -15.17
N LYS B 170 8.42 3.28 -14.09
CA LYS B 170 8.66 2.77 -12.73
C LYS B 170 7.55 3.25 -11.84
N ASP B 171 6.71 2.36 -11.31
CA ASP B 171 5.57 2.80 -10.51
C ASP B 171 4.93 1.61 -9.82
N SER B 172 4.05 1.90 -8.87
CA SER B 172 3.09 0.92 -8.39
C SER B 172 1.92 0.83 -9.41
N CYS B 173 1.16 -0.28 -9.30
CA CYS B 173 0.12 -0.52 -10.29
C CYS B 173 -1.00 -1.35 -9.66
N GLN B 174 -2.01 -1.70 -10.46
CA GLN B 174 -3.17 -2.40 -9.95
C GLN B 174 -2.77 -3.70 -9.26
N GLY B 175 -3.28 -3.90 -8.05
CA GLY B 175 -2.92 -4.95 -7.17
C GLY B 175 -1.91 -4.58 -6.09
N ASP B 176 -1.28 -3.42 -6.24
CA ASP B 176 -0.37 -2.92 -5.22
C ASP B 176 -1.08 -2.10 -4.16
N SER B 177 -2.29 -1.61 -4.44
CA SER B 177 -3.04 -0.77 -3.51
C SER B 177 -3.04 -1.33 -2.13
N GLY B 178 -2.95 -0.42 -1.16
CA GLY B 178 -2.98 -0.80 0.23
C GLY B 178 -1.63 -1.15 0.81
N GLY B 179 -0.67 -1.46 -0.07
CA GLY B 179 0.64 -1.86 0.39
C GLY B 179 1.53 -0.71 0.77
N PRO B 180 2.74 -1.06 1.21
CA PRO B 180 3.64 -0.13 1.88
C PRO B 180 4.47 0.73 0.94
N VAL B 181 4.73 1.95 1.48
CA VAL B 181 5.82 2.83 1.08
C VAL B 181 6.62 3.04 2.35
N VAL B 182 7.82 2.44 2.45
CA VAL B 182 8.63 2.48 3.65
C VAL B 182 9.88 3.29 3.36
N CYS B 183 10.19 4.23 4.25
CA CYS B 183 11.30 5.15 4.03
C CYS B 183 12.08 5.20 5.33
N SER B 184 13.35 4.82 5.28
CA SER B 184 14.18 4.83 6.51
C SER B 184 13.48 4.08 7.65
N GLY B 185 12.92 2.93 7.30
CA GLY B 185 12.36 2.05 8.31
C GLY B 185 11.01 2.47 8.87
N LYS B 186 10.36 3.45 8.27
CA LYS B 186 9.06 3.91 8.72
C LYS B 186 8.04 3.79 7.60
N LEU B 187 6.81 3.40 7.97
CA LEU B 187 5.70 3.34 7.01
C LEU B 187 5.18 4.74 6.74
N GLN B 188 5.60 5.33 5.63
CA GLN B 188 5.19 6.68 5.29
C GLN B 188 4.02 6.73 4.32
N GLY B 189 3.78 5.68 3.53
CA GLY B 189 2.74 5.73 2.54
C GLY B 189 1.98 4.45 2.41
N ILE B 190 0.78 4.58 1.83
CA ILE B 190 -0.08 3.49 1.40
C ILE B 190 -0.35 3.67 -0.07
N VAL B 191 -0.10 2.63 -0.87
CA VAL B 191 -0.39 2.70 -2.31
C VAL B 191 -1.88 3.03 -2.50
N SER B 192 -2.17 4.10 -3.26
CA SER B 192 -3.55 4.58 -3.39
C SER B 192 -4.00 4.66 -4.84
N TRP B 193 -3.47 5.63 -5.62
CA TRP B 193 -4.04 5.88 -6.95
C TRP B 193 -3.00 6.50 -7.85
N GLY B 194 -3.38 6.63 -9.12
CA GLY B 194 -2.61 7.41 -10.08
C GLY B 194 -3.36 7.44 -11.38
N SER B 195 -2.86 8.23 -12.31
N SER B 195 -2.86 8.21 -12.38
CA SER B 195 -3.41 8.16 -13.66
CA SER B 195 -3.41 8.17 -13.76
C SER B 195 -2.69 7.06 -14.41
C SER B 195 -2.67 7.07 -14.50
N GLY B 196 -3.33 5.90 -14.53
CA GLY B 196 -2.67 4.73 -14.99
C GLY B 196 -1.46 4.35 -14.11
N CYS B 197 -0.49 3.68 -14.74
N CYS B 197 -0.52 3.69 -14.75
CA CYS B 197 0.71 3.19 -14.04
CA CYS B 197 0.69 3.38 -14.04
C CYS B 197 1.91 3.54 -14.91
C CYS B 197 1.92 3.54 -14.90
N ALA B 198 2.95 4.10 -14.30
CA ALA B 198 4.23 4.26 -14.95
C ALA B 198 4.15 5.16 -16.18
N GLN B 199 3.16 6.06 -16.24
CA GLN B 199 3.04 6.99 -17.34
C GLN B 199 3.87 8.22 -17.10
N LYS B 200 4.39 8.80 -18.18
CA LYS B 200 5.15 10.03 -18.08
C LYS B 200 4.34 11.11 -17.41
N ASN B 201 4.94 11.84 -16.47
CA ASN B 201 4.33 12.96 -15.76
C ASN B 201 3.18 12.63 -14.89
N LYS B 202 3.00 11.34 -14.58
N LYS B 202 3.01 11.34 -14.58
CA LYS B 202 1.86 10.87 -13.77
CA LYS B 202 1.86 10.87 -13.78
C LYS B 202 2.42 9.95 -12.72
C LYS B 202 2.41 9.94 -12.72
N PRO B 203 3.02 10.45 -11.67
CA PRO B 203 3.64 9.59 -10.65
C PRO B 203 2.54 8.93 -9.80
N GLY B 204 2.94 7.95 -9.01
CA GLY B 204 1.98 7.38 -8.08
C GLY B 204 1.64 8.33 -6.95
N VAL B 205 0.41 8.19 -6.44
CA VAL B 205 -0.09 8.95 -5.32
C VAL B 205 -0.38 7.99 -4.16
N TYR B 206 -0.01 8.44 -2.96
CA TYR B 206 0.04 7.60 -1.78
C TYR B 206 -0.60 8.31 -0.61
N THR B 207 -1.29 7.56 0.24
CA THR B 207 -1.84 8.13 1.47
C THR B 207 -0.70 8.47 2.40
N LYS B 208 -0.76 9.67 3.01
CA LYS B 208 0.30 10.20 3.85
C LYS B 208 0.12 9.73 5.28
N VAL B 209 0.75 8.59 5.60
CA VAL B 209 0.54 7.90 6.86
C VAL B 209 0.88 8.79 8.06
N CYS B 210 1.88 9.67 7.94
CA CYS B 210 2.25 10.48 9.09
C CYS B 210 1.10 11.32 9.60
N ASN B 211 0.10 11.62 8.79
CA ASN B 211 -1.04 12.39 9.24
C ASN B 211 -2.04 11.58 10.06
N TYR B 212 -1.90 10.25 10.05
CA TYR B 212 -2.85 9.32 10.63
C TYR B 212 -2.32 8.57 11.81
N VAL B 213 -1.09 8.85 12.29
CA VAL B 213 -0.54 8.08 13.38
C VAL B 213 -1.43 8.17 14.61
N SER B 214 -1.86 9.37 14.96
CA SER B 214 -2.75 9.50 16.12
C SER B 214 -4.06 8.75 15.92
N TRP B 215 -4.66 8.90 14.74
CA TRP B 215 -5.90 8.21 14.47
C TRP B 215 -5.72 6.69 14.57
N ILE B 216 -4.62 6.18 14.04
CA ILE B 216 -4.34 4.75 14.12
C ILE B 216 -4.26 4.32 15.56
N LYS B 217 -3.46 5.05 16.36
CA LYS B 217 -3.29 4.65 17.75
C LYS B 217 -4.59 4.72 18.53
N GLN B 218 -5.37 5.78 18.30
CA GLN B 218 -6.63 5.92 19.02
C GLN B 218 -7.60 4.81 18.64
N THR B 219 -7.61 4.44 17.36
CA THR B 219 -8.53 3.44 16.87
C THR B 219 -8.14 2.06 17.39
N ILE B 220 -6.84 1.72 17.34
CA ILE B 220 -6.39 0.45 17.89
C ILE B 220 -6.70 0.37 19.37
N ALA B 221 -6.47 1.46 20.11
CA ALA B 221 -6.64 1.45 21.58
C ALA B 221 -8.10 1.19 21.94
N SER B 222 -9.03 1.60 21.12
CA SER B 222 -10.44 1.47 21.40
C SER B 222 -11.09 0.22 20.82
N ASN B 223 -10.32 -0.63 20.17
N ASN B 223 -10.34 -0.63 20.12
CA ASN B 223 -10.82 -1.81 19.49
CA ASN B 223 -10.88 -1.86 19.55
C ASN B 223 -10.10 -3.08 19.87
C ASN B 223 -9.95 -3.04 19.91
CA CA C . 2.90 -18.76 -0.62
S SO4 D . -3.60 22.83 -6.36
O1 SO4 D . -2.57 23.79 -6.48
O2 SO4 D . -3.46 22.02 -5.27
O3 SO4 D . -4.85 23.42 -6.33
O4 SO4 D . -3.53 22.00 -7.40
C1 EDO E . -4.05 -17.10 -4.13
O1 EDO E . -5.45 -16.88 -4.19
C2 EDO E . -3.35 -16.00 -4.89
O2 EDO E . -3.65 -16.13 -6.27
C1 EDO F . 0.94 0.84 16.28
O1 EDO F . 0.80 1.87 17.21
C2 EDO F . 1.78 -0.20 16.74
O2 EDO F . 1.14 -0.89 17.74
C1 EDO G . 14.18 -6.21 -0.77
O1 EDO G . 15.19 -7.15 -1.06
C2 EDO G . 14.65 -4.94 -0.54
O2 EDO G . 15.50 -4.46 -1.56
C1 EDO H . 5.40 11.58 3.51
C1 EDO H . 5.47 11.56 3.40
O1 EDO H . 5.50 11.96 4.76
O1 EDO H . 6.15 11.39 4.58
C2 EDO H . 5.63 12.60 2.51
C2 EDO H . 5.55 12.95 2.81
O2 EDO H . 4.63 13.54 2.58
O2 EDO H . 5.86 14.06 3.68
C1 EDO I . 5.85 15.67 0.09
O1 EDO I . 4.69 15.69 0.87
C2 EDO I . 7.12 15.93 0.76
O2 EDO I . 7.30 17.25 1.23
C1 EDO J . -11.65 -4.32 -2.91
O1 EDO J . -12.90 -4.64 -3.70
C2 EDO J . -10.74 -3.62 -3.78
O2 EDO J . -11.15 -2.44 -4.27
C1 EDO K . -7.20 18.85 -3.52
O1 EDO K . -8.42 18.99 -2.88
C2 EDO K . -6.77 20.23 -4.15
O2 EDO K . -5.38 20.40 -3.97
C1 EDO L . -12.01 15.15 -0.88
O1 EDO L . -10.79 15.85 -0.62
C2 EDO L . -12.89 14.42 0.04
C1 EDO M . -3.65 -20.91 -2.71
C1 EDO M . -3.65 -20.91 -2.71
C1 EDO M . -3.57 -21.04 -2.71
O1 EDO M . -4.26 -20.57 -1.44
O1 EDO M . -4.26 -20.57 -1.44
O1 EDO M . -4.14 -20.81 -1.39
C2 EDO M . -2.11 -20.93 -2.59
C2 EDO M . -2.11 -20.93 -2.59
C2 EDO M . -2.03 -21.03 -2.53
O2 EDO M . -1.50 -19.76 -2.10
O2 EDO M . -1.50 -19.76 -2.10
O2 EDO M . -1.71 -20.61 -1.07
#